data_6L6M
#
_entry.id   6L6M
#
_cell.length_a   71.237
_cell.length_b   173.988
_cell.length_c   159.058
_cell.angle_alpha   90.000
_cell.angle_beta   90.000
_cell.angle_gamma   90.000
#
_symmetry.space_group_name_H-M   'C 2 2 21'
#
_entity_poly.entity_id   1
_entity_poly.type   'polypeptide(L)'
_entity_poly.pdbx_seq_one_letter_code
;MASMSSSEAPIVQSLEAIPPSQNNQQLAKPEPKWIHLSRYLSKTSQNRVFVDPSGVGHFNSMTWEPPCELLDCGTNYLLK
FEVPGIDKKSLSLQYSNNWVIVSGNKNMPIDEGDFCFTEILYGQFRREVPVPVDASKDGIKAYYQEGILYVKLLKVSNSN
WVNVEIV
;
_entity_poly.pdbx_strand_id   A,B,C,D
#
# COMPACT_ATOMS: atom_id res chain seq x y z
N THR A 63 -20.38 -24.68 -18.62
CA THR A 63 -19.91 -23.56 -17.80
C THR A 63 -19.88 -22.26 -18.59
N TRP A 64 -20.30 -21.15 -17.98
CA TRP A 64 -20.11 -19.86 -18.64
C TRP A 64 -18.69 -19.35 -18.39
N GLU A 65 -18.31 -18.33 -19.16
CA GLU A 65 -17.04 -17.67 -19.02
C GLU A 65 -17.30 -16.20 -18.68
N PRO A 66 -16.61 -15.64 -17.72
CA PRO A 66 -16.74 -14.21 -17.49
C PRO A 66 -15.82 -13.46 -18.44
N PRO A 67 -16.25 -12.32 -18.97
CA PRO A 67 -15.37 -11.55 -19.83
C PRO A 67 -14.20 -11.00 -19.03
N CYS A 68 -13.03 -10.97 -19.67
CA CYS A 68 -11.80 -10.54 -19.01
C CYS A 68 -11.06 -9.54 -19.88
N GLU A 69 -10.10 -8.84 -19.26
CA GLU A 69 -9.25 -7.92 -20.01
C GLU A 69 -7.89 -7.80 -19.32
N LEU A 70 -6.84 -7.64 -20.12
CA LEU A 70 -5.48 -7.47 -19.66
C LEU A 70 -5.06 -6.00 -19.79
N LEU A 71 -4.19 -5.54 -18.90
CA LEU A 71 -3.66 -4.18 -19.01
C LEU A 71 -2.15 -4.19 -18.72
N ASP A 72 -1.38 -3.45 -19.52
CA ASP A 72 0.01 -3.13 -19.18
C ASP A 72 0.04 -1.81 -18.44
N CYS A 73 0.73 -1.78 -17.29
CA CYS A 73 0.85 -0.59 -16.45
C CYS A 73 2.29 -0.41 -15.99
N GLY A 74 3.24 -0.73 -16.88
CA GLY A 74 4.65 -0.66 -16.59
C GLY A 74 5.07 -1.65 -15.52
N THR A 75 4.92 -1.24 -14.26
CA THR A 75 5.29 -2.09 -13.13
C THR A 75 4.70 -3.49 -13.22
N ASN A 76 3.47 -3.58 -13.71
CA ASN A 76 2.66 -4.77 -13.50
C ASN A 76 1.58 -4.85 -14.56
N TYR A 77 1.26 -6.08 -14.94
CA TYR A 77 0.04 -6.38 -15.68
C TYR A 77 -1.17 -6.46 -14.74
N LEU A 78 -2.32 -6.05 -15.24
CA LEU A 78 -3.56 -6.07 -14.47
C LEU A 78 -4.60 -6.85 -15.27
N LEU A 79 -4.84 -8.09 -14.87
CA LEU A 79 -5.85 -8.96 -15.48
C LEU A 79 -7.16 -8.76 -14.74
N LYS A 80 -8.27 -8.72 -15.47
CA LYS A 80 -9.57 -8.37 -14.86
C LYS A 80 -10.65 -9.31 -15.34
N PHE A 81 -11.51 -9.75 -14.42
CA PHE A 81 -12.64 -10.59 -14.76
C PHE A 81 -13.90 -9.90 -14.27
N GLU A 82 -14.97 -9.91 -15.06
CA GLU A 82 -16.26 -9.40 -14.59
C GLU A 82 -17.05 -10.52 -13.95
N VAL A 83 -17.18 -10.49 -12.63
CA VAL A 83 -17.85 -11.58 -11.94
C VAL A 83 -18.78 -10.98 -10.89
N PRO A 84 -19.94 -10.54 -11.31
CA PRO A 84 -20.84 -9.82 -10.40
C PRO A 84 -21.75 -10.74 -9.60
N GLY A 85 -21.79 -10.57 -8.28
CA GLY A 85 -22.68 -11.41 -7.49
C GLY A 85 -22.31 -12.87 -7.47
N ILE A 86 -21.03 -13.18 -7.38
CA ILE A 86 -20.60 -14.55 -7.38
C ILE A 86 -20.42 -15.00 -5.94
N ASP A 87 -20.24 -16.32 -5.76
CA ASP A 87 -20.06 -16.92 -4.44
C ASP A 87 -18.63 -16.71 -3.97
N LYS A 88 -18.41 -15.72 -3.10
CA LYS A 88 -17.04 -15.37 -2.73
C LYS A 88 -16.30 -16.56 -2.09
N LYS A 89 -17.03 -17.43 -1.39
CA LYS A 89 -16.42 -18.61 -0.79
C LYS A 89 -16.02 -19.63 -1.85
N SER A 90 -16.84 -19.78 -2.89
CA SER A 90 -16.51 -20.67 -3.99
C SER A 90 -15.26 -20.21 -4.74
N LEU A 91 -15.07 -18.91 -4.87
CA LEU A 91 -14.14 -18.32 -5.82
C LEU A 91 -12.73 -18.87 -5.63
N SER A 92 -11.99 -19.01 -6.73
CA SER A 92 -10.77 -19.82 -6.70
C SER A 92 -9.85 -19.47 -7.86
N LEU A 93 -8.61 -19.09 -7.54
CA LEU A 93 -7.72 -18.49 -8.51
C LEU A 93 -6.38 -19.18 -8.43
N GLN A 94 -5.88 -19.68 -9.55
CA GLN A 94 -4.62 -20.40 -9.52
C GLN A 94 -3.78 -19.89 -10.69
N TYR A 95 -2.48 -19.73 -10.45
CA TYR A 95 -1.52 -19.32 -11.47
C TYR A 95 -0.55 -20.46 -11.68
N SER A 96 -0.30 -20.80 -12.94
CA SER A 96 0.71 -21.79 -13.34
C SER A 96 1.10 -21.60 -14.79
N ASN A 97 2.40 -21.48 -15.04
CA ASN A 97 2.98 -21.57 -16.39
C ASN A 97 2.33 -20.58 -17.35
N ASN A 98 2.45 -19.30 -17.02
CA ASN A 98 1.91 -18.22 -17.86
C ASN A 98 0.41 -18.39 -18.14
N TRP A 99 -0.27 -19.23 -17.35
CA TRP A 99 -1.72 -19.39 -17.35
C TRP A 99 -2.26 -18.93 -16.01
N VAL A 100 -3.31 -18.11 -16.05
CA VAL A 100 -4.13 -17.77 -14.89
C VAL A 100 -5.46 -18.48 -15.08
N ILE A 101 -5.86 -19.28 -14.11
CA ILE A 101 -7.11 -20.03 -14.18
C ILE A 101 -8.00 -19.54 -13.06
N VAL A 102 -9.19 -19.07 -13.41
CA VAL A 102 -10.11 -18.57 -12.40
C VAL A 102 -11.41 -19.37 -12.48
N SER A 103 -12.05 -19.61 -11.34
CA SER A 103 -13.20 -20.50 -11.34
C SER A 103 -14.04 -20.27 -10.11
N GLY A 104 -15.35 -20.44 -10.25
CA GLY A 104 -16.25 -20.26 -9.12
C GLY A 104 -17.69 -20.51 -9.49
N ASN A 105 -18.59 -20.09 -8.61
CA ASN A 105 -20.02 -20.28 -8.80
C ASN A 105 -20.74 -18.96 -8.63
N LYS A 106 -21.71 -18.72 -9.49
CA LYS A 106 -22.65 -17.64 -9.34
C LYS A 106 -23.99 -18.33 -9.21
N ASN A 107 -24.50 -18.41 -7.98
CA ASN A 107 -25.68 -19.20 -7.73
C ASN A 107 -26.92 -18.36 -7.99
N MET A 108 -27.99 -19.02 -8.41
CA MET A 108 -29.27 -18.36 -8.52
C MET A 108 -29.72 -17.92 -7.14
N PRO A 109 -30.37 -16.77 -7.02
CA PRO A 109 -30.72 -16.24 -5.71
C PRO A 109 -32.06 -16.80 -5.21
N ILE A 110 -32.09 -18.12 -5.01
CA ILE A 110 -33.23 -18.80 -4.40
C ILE A 110 -33.58 -18.17 -3.06
N ASP A 111 -32.56 -17.70 -2.33
CA ASP A 111 -32.80 -17.12 -1.01
C ASP A 111 -33.39 -15.72 -1.11
N GLU A 112 -33.17 -14.99 -2.21
CA GLU A 112 -33.70 -13.63 -2.32
C GLU A 112 -35.17 -13.61 -2.71
N GLY A 113 -35.59 -14.44 -3.66
CA GLY A 113 -36.97 -14.37 -4.11
C GLY A 113 -37.28 -15.37 -5.20
N ASP A 114 -38.35 -15.13 -5.94
CA ASP A 114 -38.78 -16.02 -7.01
C ASP A 114 -38.72 -15.31 -8.35
N PHE A 115 -38.17 -15.98 -9.34
CA PHE A 115 -37.98 -15.38 -10.64
C PHE A 115 -39.29 -14.91 -11.23
N CYS A 116 -39.25 -13.78 -11.91
CA CYS A 116 -40.31 -13.33 -12.78
C CYS A 116 -39.83 -13.33 -14.20
N PHE A 117 -38.63 -12.79 -14.42
CA PHE A 117 -37.84 -13.12 -15.59
C PHE A 117 -36.41 -12.87 -15.18
N THR A 118 -35.47 -13.49 -15.89
CA THR A 118 -34.06 -13.21 -15.70
C THR A 118 -33.32 -13.40 -17.01
N GLU A 119 -32.37 -12.51 -17.27
CA GLU A 119 -31.43 -12.70 -18.37
C GLU A 119 -30.01 -12.77 -17.85
N ILE A 120 -29.87 -13.10 -16.60
CA ILE A 120 -28.57 -13.29 -15.97
C ILE A 120 -28.11 -14.73 -16.18
N LEU A 121 -26.83 -14.89 -16.48
CA LEU A 121 -26.22 -16.22 -16.56
C LEU A 121 -25.84 -16.70 -15.16
N TYR A 122 -26.40 -17.83 -14.74
CA TYR A 122 -25.98 -18.45 -13.48
C TYR A 122 -25.22 -19.73 -13.76
N GLY A 123 -24.49 -20.18 -12.77
CA GLY A 123 -23.85 -21.46 -12.95
C GLY A 123 -22.42 -21.42 -12.50
N GLN A 124 -21.63 -22.34 -13.04
CA GLN A 124 -20.26 -22.53 -12.65
C GLN A 124 -19.38 -22.00 -13.76
N PHE A 125 -18.40 -21.18 -13.43
CA PHE A 125 -17.53 -20.57 -14.43
C PHE A 125 -16.10 -21.02 -14.22
N ARG A 126 -15.43 -21.25 -15.32
CA ARG A 126 -14.01 -21.48 -15.43
C ARG A 126 -13.53 -20.53 -16.48
N ARG A 127 -12.27 -20.13 -16.40
CA ARG A 127 -11.66 -19.32 -17.46
C ARG A 127 -10.16 -19.54 -17.35
N GLU A 128 -9.53 -20.00 -18.42
CA GLU A 128 -8.07 -19.99 -18.52
C GLU A 128 -7.67 -18.80 -19.38
N VAL A 129 -6.77 -17.97 -18.88
CA VAL A 129 -6.23 -16.85 -19.62
C VAL A 129 -4.72 -17.02 -19.70
N PRO A 130 -4.11 -16.93 -20.88
CA PRO A 130 -2.66 -16.97 -20.97
C PRO A 130 -2.12 -15.57 -20.74
N VAL A 131 -0.99 -15.51 -20.06
CA VAL A 131 -0.47 -14.27 -19.54
C VAL A 131 0.89 -14.01 -20.19
N PRO A 132 1.31 -12.73 -20.40
CA PRO A 132 2.58 -12.48 -21.10
C PRO A 132 3.75 -13.22 -20.49
N VAL A 133 4.89 -13.27 -21.19
CA VAL A 133 6.00 -14.04 -20.63
C VAL A 133 6.85 -13.22 -19.67
N ASP A 134 6.84 -11.91 -19.80
CA ASP A 134 7.50 -11.07 -18.81
C ASP A 134 6.65 -10.86 -17.56
N ALA A 135 5.67 -11.71 -17.29
CA ALA A 135 4.94 -11.66 -16.04
C ALA A 135 5.56 -12.62 -15.05
N SER A 136 5.69 -12.18 -13.81
CA SER A 136 6.40 -12.91 -12.77
C SER A 136 5.46 -13.87 -12.05
N LYS A 137 6.01 -15.01 -11.62
CA LYS A 137 5.29 -15.93 -10.76
C LYS A 137 5.20 -15.44 -9.32
N ASP A 138 6.11 -14.58 -8.89
CA ASP A 138 6.11 -14.08 -7.53
C ASP A 138 5.31 -12.79 -7.43
N GLY A 139 4.98 -12.43 -6.19
CA GLY A 139 4.35 -11.16 -5.92
C GLY A 139 2.92 -11.03 -6.37
N ILE A 140 2.31 -12.11 -6.83
CA ILE A 140 1.00 -12.02 -7.49
C ILE A 140 -0.07 -11.69 -6.46
N LYS A 141 -0.97 -10.77 -6.81
CA LYS A 141 -2.01 -10.39 -5.86
C LYS A 141 -3.37 -10.38 -6.53
N ALA A 142 -4.42 -10.74 -5.80
CA ALA A 142 -5.75 -10.69 -6.39
C ALA A 142 -6.71 -10.07 -5.40
N TYR A 143 -7.47 -9.08 -5.84
CA TYR A 143 -8.53 -8.54 -5.01
CA TYR A 143 -8.51 -8.41 -5.06
C TYR A 143 -9.84 -8.54 -5.78
N TYR A 144 -10.94 -8.53 -5.05
CA TYR A 144 -12.29 -8.59 -5.63
C TYR A 144 -13.03 -7.34 -5.18
N GLN A 145 -13.50 -6.53 -6.13
CA GLN A 145 -14.19 -5.33 -5.66
C GLN A 145 -15.11 -4.73 -6.73
N GLU A 146 -16.35 -4.43 -6.32
CA GLU A 146 -17.37 -3.86 -7.20
C GLU A 146 -17.69 -4.82 -8.34
N GLY A 147 -17.73 -6.10 -8.03
CA GLY A 147 -18.05 -7.07 -9.05
C GLY A 147 -16.92 -7.35 -10.02
N ILE A 148 -15.69 -6.98 -9.69
CA ILE A 148 -14.54 -7.28 -10.55
C ILE A 148 -13.42 -7.87 -9.71
N LEU A 149 -12.93 -8.99 -10.19
CA LEU A 149 -11.72 -9.63 -9.72
C LEU A 149 -10.52 -9.07 -10.47
N TYR A 150 -9.71 -8.26 -9.79
CA TYR A 150 -8.44 -7.77 -10.30
C TYR A 150 -7.36 -8.75 -9.90
N VAL A 151 -6.52 -9.11 -10.85
CA VAL A 151 -5.32 -9.94 -10.61
C VAL A 151 -4.14 -9.11 -11.07
N LYS A 152 -3.26 -8.75 -10.14
CA LYS A 152 -2.13 -7.87 -10.40
C LYS A 152 -0.86 -8.70 -10.43
N LEU A 153 -0.27 -8.83 -11.63
CA LEU A 153 0.94 -9.61 -11.88
C LEU A 153 2.14 -8.69 -12.07
N LEU A 154 3.28 -9.04 -11.47
CA LEU A 154 4.46 -8.20 -11.54
C LEU A 154 5.28 -8.51 -12.77
N LYS A 155 5.85 -7.48 -13.39
CA LYS A 155 6.76 -7.71 -14.51
C LYS A 155 8.11 -8.19 -13.99
N VAL A 156 8.64 -9.25 -14.62
CA VAL A 156 9.97 -9.73 -14.27
C VAL A 156 10.99 -8.66 -14.67
N SER A 157 11.82 -8.26 -13.72
CA SER A 157 12.59 -7.03 -13.89
C SER A 157 13.83 -7.30 -14.71
N ASN A 158 14.12 -6.37 -15.62
CA ASN A 158 15.27 -6.44 -16.51
C ASN A 158 16.43 -5.55 -16.06
N SER A 159 16.22 -4.72 -15.04
CA SER A 159 17.23 -3.79 -14.56
C SER A 159 17.74 -4.20 -13.18
N ASN A 160 19.05 -4.10 -12.98
CA ASN A 160 19.59 -4.28 -11.63
C ASN A 160 19.33 -3.08 -10.75
N TRP A 161 18.96 -1.93 -11.31
CA TRP A 161 18.84 -0.73 -10.51
C TRP A 161 17.47 -0.67 -9.85
N VAL A 162 17.44 -0.20 -8.60
CA VAL A 162 16.25 -0.21 -7.77
C VAL A 162 15.93 1.22 -7.39
N ASN A 163 14.72 1.65 -7.69
CA ASN A 163 14.28 2.98 -7.30
C ASN A 163 14.08 3.06 -5.79
N VAL A 164 14.47 4.19 -5.21
CA VAL A 164 14.44 4.39 -3.77
C VAL A 164 13.33 5.39 -3.47
N GLU A 165 12.32 4.96 -2.72
CA GLU A 165 11.05 5.67 -2.72
C GLU A 165 11.10 6.98 -1.94
N ILE A 166 12.02 7.11 -0.98
CA ILE A 166 12.23 8.38 -0.25
C ILE A 166 10.92 8.92 0.37
N THR B 63 36.06 4.49 2.89
CA THR B 63 34.88 3.74 2.48
C THR B 63 34.24 2.96 3.64
N TRP B 64 33.57 3.68 4.53
CA TRP B 64 32.86 3.07 5.66
C TRP B 64 31.65 2.28 5.18
N GLU B 65 31.16 1.42 6.06
CA GLU B 65 29.96 0.69 5.69
C GLU B 65 28.91 0.77 6.79
N PRO B 66 27.65 0.94 6.41
CA PRO B 66 26.60 1.13 7.41
C PRO B 66 26.15 -0.20 7.96
N PRO B 67 25.74 -0.25 9.22
CA PRO B 67 25.29 -1.52 9.79
C PRO B 67 23.93 -1.87 9.20
N CYS B 68 23.62 -3.17 9.15
CA CYS B 68 22.43 -3.60 8.45
C CYS B 68 21.77 -4.75 9.20
N GLU B 69 20.65 -5.20 8.66
CA GLU B 69 19.79 -6.14 9.35
C GLU B 69 18.87 -6.82 8.35
N LEU B 70 18.65 -8.12 8.52
CA LEU B 70 17.74 -8.87 7.67
C LEU B 70 16.66 -9.48 8.54
N LEU B 71 15.41 -9.18 8.21
CA LEU B 71 14.24 -9.66 8.91
C LEU B 71 13.43 -10.56 7.98
N ASP B 72 13.02 -11.72 8.49
CA ASP B 72 12.08 -12.60 7.80
C ASP B 72 10.67 -12.24 8.27
N CYS B 73 9.92 -11.53 7.44
CA CYS B 73 8.53 -11.19 7.71
C CYS B 73 7.56 -12.14 7.03
N GLY B 74 7.93 -13.42 6.90
CA GLY B 74 7.01 -14.39 6.32
C GLY B 74 6.86 -14.26 4.82
N THR B 75 6.04 -13.32 4.35
CA THR B 75 5.83 -13.25 2.90
C THR B 75 6.94 -12.50 2.19
N ASN B 76 7.80 -11.80 2.93
CA ASN B 76 8.87 -11.00 2.34
C ASN B 76 10.04 -10.96 3.31
N TYR B 77 11.19 -10.54 2.80
CA TYR B 77 12.30 -10.15 3.64
C TYR B 77 12.36 -8.64 3.74
N LEU B 78 12.91 -8.16 4.87
CA LEU B 78 13.20 -6.74 5.10
C LEU B 78 14.69 -6.60 5.36
N LEU B 79 15.41 -6.03 4.41
CA LEU B 79 16.78 -5.64 4.58
C LEU B 79 16.79 -4.20 5.09
N LYS B 80 17.60 -3.91 6.10
CA LYS B 80 17.63 -2.58 6.70
C LYS B 80 19.07 -2.09 6.78
N PHE B 81 19.34 -0.93 6.21
CA PHE B 81 20.63 -0.28 6.32
C PHE B 81 20.48 0.99 7.14
N GLU B 82 21.24 1.09 8.23
CA GLU B 82 21.21 2.26 9.11
C GLU B 82 22.09 3.36 8.52
N VAL B 83 21.50 4.43 8.00
CA VAL B 83 22.30 5.44 7.31
C VAL B 83 21.85 6.87 7.64
N PRO B 84 22.13 7.39 8.83
CA PRO B 84 21.51 8.65 9.26
C PRO B 84 22.20 9.84 8.60
N GLY B 85 21.41 10.65 7.90
CA GLY B 85 21.94 11.87 7.32
C GLY B 85 22.93 11.70 6.18
N ILE B 86 22.72 10.70 5.33
CA ILE B 86 23.51 10.64 4.11
C ILE B 86 22.92 11.63 3.13
N ASP B 87 23.65 11.94 2.06
CA ASP B 87 23.08 12.65 0.92
C ASP B 87 21.99 11.78 0.33
N LYS B 88 20.74 12.24 0.36
CA LYS B 88 19.67 11.41 -0.20
C LYS B 88 19.86 11.23 -1.70
N LYS B 89 20.13 12.33 -2.42
CA LYS B 89 20.72 12.19 -3.75
C LYS B 89 22.00 11.37 -3.66
N SER B 90 22.45 10.86 -4.81
CA SER B 90 23.64 10.01 -4.83
C SER B 90 23.57 8.94 -3.74
N LEU B 91 22.59 8.05 -3.95
CA LEU B 91 22.29 6.91 -3.09
C LEU B 91 21.77 5.82 -4.02
N SER B 92 22.52 4.72 -4.13
CA SER B 92 22.39 3.84 -5.28
C SER B 92 22.18 2.41 -4.82
N LEU B 93 21.00 1.87 -5.09
CA LEU B 93 20.65 0.49 -4.77
C LEU B 93 20.70 -0.38 -6.02
N GLN B 94 21.17 -1.61 -5.88
CA GLN B 94 21.19 -2.54 -7.00
C GLN B 94 20.88 -3.95 -6.52
N TYR B 95 20.32 -4.76 -7.42
CA TYR B 95 20.03 -6.15 -7.10
C TYR B 95 20.46 -7.00 -8.28
N SER B 96 21.15 -8.10 -8.02
CA SER B 96 21.44 -9.07 -9.05
C SER B 96 21.92 -10.37 -8.42
N ASN B 97 21.32 -11.48 -8.84
CA ASN B 97 21.68 -12.83 -8.38
C ASN B 97 21.91 -12.89 -6.88
N ASN B 98 20.85 -12.60 -6.13
CA ASN B 98 20.84 -12.70 -4.67
C ASN B 98 21.87 -11.80 -4.01
N TRP B 99 22.26 -10.71 -4.67
CA TRP B 99 23.16 -9.71 -4.10
C TRP B 99 22.48 -8.35 -4.13
N VAL B 100 22.46 -7.68 -2.98
CA VAL B 100 21.98 -6.31 -2.87
C VAL B 100 23.21 -5.44 -2.67
N ILE B 101 23.36 -4.40 -3.48
CA ILE B 101 24.51 -3.52 -3.39
C ILE B 101 23.98 -2.12 -3.11
N VAL B 102 24.16 -1.65 -1.87
CA VAL B 102 23.85 -0.26 -1.55
C VAL B 102 25.13 0.55 -1.59
N SER B 103 25.06 1.77 -2.08
CA SER B 103 26.20 2.66 -2.08
C SER B 103 25.71 4.09 -1.93
N GLY B 104 26.63 4.99 -1.64
CA GLY B 104 26.27 6.39 -1.60
C GLY B 104 27.32 7.21 -0.87
N ASN B 105 26.92 8.43 -0.52
CA ASN B 105 27.86 9.36 0.07
C ASN B 105 27.23 10.13 1.22
N LYS B 106 28.04 10.45 2.22
CA LYS B 106 27.66 11.27 3.37
C LYS B 106 28.67 12.41 3.50
N ASN B 107 28.20 13.65 3.34
CA ASN B 107 29.06 14.83 3.29
C ASN B 107 29.21 15.45 4.67
N MET B 108 30.39 16.02 4.91
CA MET B 108 30.64 16.72 6.17
C MET B 108 29.75 17.95 6.26
N PRO B 109 29.42 18.39 7.47
CA PRO B 109 28.60 19.60 7.58
C PRO B 109 29.46 20.87 7.52
N ILE B 110 30.01 21.12 6.33
CA ILE B 110 30.82 22.33 6.12
C ILE B 110 30.00 23.57 6.38
N ASP B 111 28.69 23.50 6.15
CA ASP B 111 27.78 24.63 6.31
C ASP B 111 27.18 24.74 7.71
N GLU B 112 27.34 23.72 8.55
CA GLU B 112 26.73 23.75 9.87
C GLU B 112 27.63 24.33 10.94
N GLY B 113 28.93 24.06 10.88
CA GLY B 113 29.84 24.54 11.91
C GLY B 113 31.24 24.04 11.64
N ASP B 114 32.05 23.98 12.70
CA ASP B 114 33.38 23.40 12.63
C ASP B 114 33.56 22.39 13.75
N PHE B 115 34.08 21.21 13.40
CA PHE B 115 34.23 20.13 14.35
C PHE B 115 34.97 20.60 15.59
N CYS B 116 34.38 20.32 16.73
CA CYS B 116 35.12 20.27 17.98
C CYS B 116 35.54 18.86 18.30
N PHE B 117 34.65 17.90 18.05
CA PHE B 117 35.04 16.50 17.92
C PHE B 117 33.89 15.79 17.22
N THR B 118 34.14 14.54 16.81
CA THR B 118 33.09 13.78 16.14
C THR B 118 33.40 12.30 16.21
N GLU B 119 32.36 11.49 16.40
CA GLU B 119 32.43 10.05 16.32
C GLU B 119 31.71 9.53 15.09
N ILE B 120 31.19 10.41 14.26
CA ILE B 120 30.39 10.03 13.10
C ILE B 120 31.32 9.74 11.93
N LEU B 121 31.13 8.60 11.27
CA LEU B 121 31.87 8.30 10.06
C LEU B 121 31.29 9.08 8.90
N TYR B 122 32.15 9.78 8.17
CA TYR B 122 31.76 10.51 6.98
C TYR B 122 32.42 9.89 5.75
N GLY B 123 32.03 10.37 4.59
CA GLY B 123 32.61 9.92 3.36
C GLY B 123 31.68 9.03 2.57
N GLN B 124 32.26 8.29 1.64
CA GLN B 124 31.48 7.48 0.74
C GLN B 124 31.39 6.05 1.29
N PHE B 125 30.18 5.50 1.27
CA PHE B 125 29.91 4.19 1.83
C PHE B 125 29.44 3.23 0.75
N ARG B 126 29.53 1.95 1.07
CA ARG B 126 29.15 0.88 0.17
C ARG B 126 29.00 -0.39 0.98
N ARG B 127 28.04 -1.23 0.60
CA ARG B 127 27.79 -2.47 1.33
C ARG B 127 27.15 -3.48 0.38
N GLU B 128 27.65 -4.72 0.39
CA GLU B 128 27.19 -5.79 -0.50
C GLU B 128 26.64 -6.93 0.33
N VAL B 129 25.36 -7.23 0.16
CA VAL B 129 24.69 -8.17 1.05
C VAL B 129 24.14 -9.33 0.23
N PRO B 130 24.55 -10.56 0.51
CA PRO B 130 23.86 -11.73 -0.05
C PRO B 130 22.51 -11.90 0.62
N VAL B 131 21.51 -12.24 -0.18
CA VAL B 131 20.20 -12.49 0.37
C VAL B 131 19.90 -13.98 0.26
N PRO B 132 18.87 -14.47 0.94
CA PRO B 132 18.56 -15.92 0.93
C PRO B 132 18.25 -16.48 -0.45
N VAL B 133 18.40 -17.82 -0.54
CA VAL B 133 18.01 -18.58 -1.74
C VAL B 133 16.53 -18.41 -2.01
N ASP B 134 15.76 -18.23 -0.93
CA ASP B 134 14.33 -18.07 -0.85
C ASP B 134 13.81 -16.82 -1.55
N ALA B 135 14.66 -15.80 -1.73
CA ALA B 135 14.20 -14.48 -2.14
C ALA B 135 14.09 -14.35 -3.65
N SER B 136 13.13 -13.56 -4.06
CA SER B 136 12.77 -13.40 -5.46
C SER B 136 13.57 -12.26 -6.07
N LYS B 137 13.82 -12.36 -7.37
CA LYS B 137 14.47 -11.24 -8.04
C LYS B 137 13.49 -10.22 -8.59
N ASP B 138 12.22 -10.30 -8.21
CA ASP B 138 11.18 -9.41 -8.71
C ASP B 138 10.47 -8.70 -7.57
N GLY B 139 9.79 -7.61 -7.94
CA GLY B 139 8.94 -6.92 -7.00
C GLY B 139 9.65 -6.22 -5.86
N ILE B 140 10.95 -5.97 -6.00
CA ILE B 140 11.75 -5.42 -4.91
C ILE B 140 11.45 -3.93 -4.76
N LYS B 141 11.21 -3.48 -3.54
CA LYS B 141 10.87 -2.08 -3.33
C LYS B 141 11.72 -1.48 -2.22
N ALA B 142 12.17 -0.23 -2.39
CA ALA B 142 13.09 0.41 -1.45
C ALA B 142 12.51 1.73 -0.97
N TYR B 143 12.48 1.93 0.34
CA TYR B 143 11.88 3.11 0.98
C TYR B 143 12.86 3.64 2.00
N TYR B 144 13.28 4.90 1.86
CA TYR B 144 14.17 5.55 2.82
C TYR B 144 13.35 6.40 3.78
N GLN B 145 13.49 6.18 5.08
CA GLN B 145 12.84 7.09 6.01
C GLN B 145 13.54 7.12 7.37
N GLU B 146 13.60 8.34 7.95
CA GLU B 146 14.18 8.62 9.26
C GLU B 146 15.55 7.95 9.43
N GLY B 147 16.42 8.21 8.47
CA GLY B 147 17.78 7.70 8.48
C GLY B 147 17.92 6.20 8.36
N ILE B 148 16.88 5.47 7.97
CA ILE B 148 16.98 4.04 7.70
C ILE B 148 16.55 3.77 6.27
N LEU B 149 17.32 2.97 5.56
CA LEU B 149 16.95 2.55 4.22
C LEU B 149 16.40 1.15 4.32
N TYR B 150 15.14 0.98 3.92
CA TYR B 150 14.49 -0.32 3.93
C TYR B 150 14.48 -0.86 2.51
N VAL B 151 14.90 -2.11 2.36
CA VAL B 151 14.81 -2.81 1.09
C VAL B 151 13.90 -4.01 1.35
N LYS B 152 12.82 -4.12 0.58
CA LYS B 152 11.79 -5.12 0.82
C LYS B 152 11.80 -6.09 -0.35
N LEU B 153 12.18 -7.33 -0.07
CA LEU B 153 12.30 -8.40 -1.05
C LEU B 153 11.11 -9.35 -0.97
N LEU B 154 10.58 -9.76 -2.10
CA LEU B 154 9.55 -10.79 -2.03
C LEU B 154 10.19 -12.17 -1.95
N LYS B 155 9.39 -13.16 -1.54
CA LYS B 155 9.83 -14.54 -1.59
C LYS B 155 9.27 -15.24 -2.81
N VAL B 156 10.09 -16.12 -3.39
CA VAL B 156 9.64 -16.95 -4.50
C VAL B 156 8.43 -17.75 -4.05
N SER B 157 7.36 -17.68 -4.85
CA SER B 157 6.09 -18.30 -4.45
C SER B 157 6.20 -19.81 -4.50
N ASN B 158 5.69 -20.45 -3.45
CA ASN B 158 5.76 -21.89 -3.30
C ASN B 158 4.49 -22.60 -3.76
N SER B 159 3.43 -21.85 -4.06
CA SER B 159 2.10 -22.40 -4.34
C SER B 159 1.61 -21.97 -5.71
N ASN B 160 0.54 -22.60 -6.15
CA ASN B 160 -0.20 -22.15 -7.33
C ASN B 160 -1.52 -21.50 -6.98
N TRP B 161 -2.15 -21.88 -5.87
CA TRP B 161 -3.35 -21.19 -5.42
C TRP B 161 -2.98 -19.77 -5.00
N VAL B 162 -3.83 -18.82 -5.37
CA VAL B 162 -3.61 -17.40 -5.12
C VAL B 162 -4.72 -16.91 -4.21
N ASN B 163 -4.35 -16.30 -3.10
CA ASN B 163 -5.35 -15.87 -2.13
C ASN B 163 -6.03 -14.58 -2.57
N VAL B 164 -7.36 -14.56 -2.49
CA VAL B 164 -8.15 -13.50 -3.10
C VAL B 164 -8.68 -12.52 -2.04
N GLU B 165 -7.93 -11.44 -1.77
CA GLU B 165 -8.35 -10.42 -0.81
C GLU B 165 -9.70 -9.84 -1.21
N ILE B 166 -10.72 -10.06 -0.38
CA ILE B 166 -12.08 -9.59 -0.69
C ILE B 166 -12.26 -8.20 -0.11
N VAL B 167 -12.39 -7.21 -1.00
CA VAL B 167 -12.58 -5.81 -0.66
C VAL B 167 -14.06 -5.49 -0.53
N THR C 63 -24.44 2.49 -26.29
CA THR C 63 -23.26 1.69 -26.67
C THR C 63 -23.33 0.26 -26.12
N TRP C 64 -24.05 0.05 -25.00
CA TRP C 64 -24.31 -1.31 -24.52
C TRP C 64 -25.50 -1.30 -23.57
N GLU C 65 -25.92 -2.51 -23.19
CA GLU C 65 -27.11 -2.74 -22.38
C GLU C 65 -26.78 -3.73 -21.27
N PRO C 66 -27.09 -3.43 -20.03
CA PRO C 66 -26.80 -4.37 -18.97
C PRO C 66 -27.91 -5.40 -18.87
N PRO C 67 -27.58 -6.65 -18.55
CA PRO C 67 -28.64 -7.65 -18.33
C PRO C 67 -29.29 -7.41 -16.99
N CYS C 68 -30.59 -7.70 -16.92
CA CYS C 68 -31.37 -7.41 -15.71
C CYS C 68 -32.14 -8.63 -15.26
N GLU C 69 -32.68 -8.57 -14.06
CA GLU C 69 -33.45 -9.69 -13.54
C GLU C 69 -34.49 -9.16 -12.56
N LEU C 70 -35.68 -9.77 -12.56
CA LEU C 70 -36.77 -9.31 -11.71
C LEU C 70 -37.21 -10.45 -10.80
N LEU C 71 -37.05 -10.29 -9.50
CA LEU C 71 -37.51 -11.30 -8.56
C LEU C 71 -38.74 -10.79 -7.82
N ASP C 72 -39.75 -11.65 -7.69
CA ASP C 72 -40.82 -11.44 -6.72
C ASP C 72 -40.39 -11.98 -5.35
N CYS C 73 -40.27 -11.11 -4.37
CA CYS C 73 -39.94 -11.53 -3.01
C CYS C 73 -41.12 -11.39 -2.06
N GLY C 74 -42.34 -11.49 -2.59
CA GLY C 74 -43.53 -11.45 -1.77
C GLY C 74 -43.96 -10.05 -1.39
N THR C 75 -43.34 -9.49 -0.35
CA THR C 75 -43.65 -8.11 0.03
C THR C 75 -43.31 -7.12 -1.10
N ASN C 76 -42.15 -7.29 -1.73
CA ASN C 76 -41.63 -6.35 -2.71
C ASN C 76 -41.14 -7.10 -3.95
N TYR C 77 -40.94 -6.36 -5.03
CA TYR C 77 -40.09 -6.83 -6.11
C TYR C 77 -38.66 -6.36 -5.90
N LEU C 78 -37.74 -7.06 -6.55
CA LEU C 78 -36.34 -6.69 -6.52
C LEU C 78 -35.81 -6.78 -7.93
N LEU C 79 -35.42 -5.64 -8.49
CA LEU C 79 -35.00 -5.53 -9.88
C LEU C 79 -33.49 -5.36 -9.91
N LYS C 80 -32.81 -6.09 -10.76
CA LYS C 80 -31.36 -6.15 -10.65
C LYS C 80 -30.69 -5.88 -11.99
N PHE C 81 -29.64 -5.08 -11.98
CA PHE C 81 -28.89 -4.82 -13.19
C PHE C 81 -27.45 -5.22 -12.96
N GLU C 82 -26.86 -5.92 -13.93
CA GLU C 82 -25.49 -6.40 -13.81
C GLU C 82 -24.57 -5.32 -14.37
N VAL C 83 -24.11 -4.41 -13.51
CA VAL C 83 -23.31 -3.29 -13.99
C VAL C 83 -21.98 -3.23 -13.25
N PRO C 84 -21.10 -4.20 -13.47
CA PRO C 84 -19.82 -4.24 -12.75
C PRO C 84 -18.86 -3.15 -13.20
N GLY C 85 -18.36 -2.39 -12.24
CA GLY C 85 -17.25 -1.48 -12.49
C GLY C 85 -17.59 -0.24 -13.28
N ILE C 86 -18.74 0.36 -13.00
CA ILE C 86 -19.15 1.56 -13.67
C ILE C 86 -18.81 2.75 -12.78
N ASP C 87 -18.90 3.95 -13.35
CA ASP C 87 -18.70 5.18 -12.59
C ASP C 87 -19.90 5.39 -11.68
N LYS C 88 -19.77 5.03 -10.40
CA LYS C 88 -20.93 5.06 -9.51
C LYS C 88 -21.53 6.45 -9.42
N LYS C 89 -20.79 7.49 -9.83
CA LYS C 89 -21.32 8.84 -9.87
C LYS C 89 -22.16 9.11 -11.11
N SER C 90 -21.93 8.34 -12.17
CA SER C 90 -22.71 8.47 -13.40
C SER C 90 -24.04 7.76 -13.31
N LEU C 91 -24.19 6.86 -12.33
CA LEU C 91 -25.39 6.04 -12.20
C LEU C 91 -26.62 6.90 -12.00
N SER C 92 -27.69 6.56 -12.71
CA SER C 92 -28.93 7.33 -12.57
C SER C 92 -30.12 6.41 -12.84
N LEU C 93 -31.05 6.30 -11.87
CA LEU C 93 -32.26 5.56 -12.20
C LEU C 93 -33.50 6.33 -11.78
N GLN C 94 -34.50 6.35 -12.68
CA GLN C 94 -35.79 6.97 -12.45
C GLN C 94 -36.88 5.94 -12.65
N TYR C 95 -38.01 6.15 -11.95
CA TYR C 95 -39.19 5.33 -12.10
C TYR C 95 -40.33 6.21 -12.59
N SER C 96 -41.20 5.67 -13.44
CA SER C 96 -42.28 6.42 -14.06
C SER C 96 -43.32 5.53 -14.73
N ASN C 97 -44.54 5.54 -14.23
CA ASN C 97 -45.67 4.79 -14.81
C ASN C 97 -45.37 3.30 -14.94
N ASN C 98 -44.87 2.69 -13.87
CA ASN C 98 -44.44 1.29 -13.89
C ASN C 98 -43.39 1.03 -14.97
N TRP C 99 -42.52 1.98 -15.25
CA TRP C 99 -41.31 1.67 -15.98
C TRP C 99 -40.11 2.09 -15.14
N VAL C 100 -38.99 1.38 -15.28
CA VAL C 100 -37.79 1.75 -14.55
C VAL C 100 -36.67 1.98 -15.55
N ILE C 101 -36.00 3.12 -15.44
CA ILE C 101 -35.02 3.57 -16.42
C ILE C 101 -33.70 3.69 -15.70
N VAL C 102 -32.73 2.88 -16.07
CA VAL C 102 -31.38 3.05 -15.55
C VAL C 102 -30.46 3.48 -16.68
N SER C 103 -29.56 4.40 -16.36
CA SER C 103 -28.62 4.90 -17.34
C SER C 103 -27.33 5.21 -16.60
N GLY C 104 -26.22 5.10 -17.31
CA GLY C 104 -24.93 5.28 -16.67
C GLY C 104 -23.83 5.18 -17.69
N ASN C 105 -22.61 5.28 -17.18
CA ASN C 105 -21.44 5.33 -18.04
C ASN C 105 -20.36 4.47 -17.43
N LYS C 106 -19.59 3.80 -18.29
CA LYS C 106 -18.46 2.98 -17.85
C LYS C 106 -17.22 3.49 -18.57
N ASN C 107 -16.41 4.28 -17.86
CA ASN C 107 -15.22 4.88 -18.43
C ASN C 107 -14.14 3.84 -18.68
N MET C 108 -13.47 3.96 -19.82
CA MET C 108 -12.29 3.17 -20.09
C MET C 108 -11.22 3.45 -19.04
N PRO C 109 -10.36 2.48 -18.77
CA PRO C 109 -9.30 2.68 -17.77
C PRO C 109 -8.04 3.30 -18.38
N ILE C 110 -8.19 4.53 -18.90
CA ILE C 110 -7.02 5.26 -19.40
C ILE C 110 -5.99 5.41 -18.29
N ASP C 111 -6.47 5.63 -17.06
CA ASP C 111 -5.57 5.80 -15.92
C ASP C 111 -4.81 4.51 -15.59
N GLU C 112 -5.50 3.35 -15.62
CA GLU C 112 -4.91 2.13 -15.07
C GLU C 112 -3.77 1.60 -15.94
N GLY C 113 -3.92 1.64 -17.25
CA GLY C 113 -2.86 1.16 -18.11
C GLY C 113 -3.36 1.02 -19.54
N ASP C 114 -2.50 0.47 -20.39
CA ASP C 114 -2.82 0.34 -21.80
C ASP C 114 -3.44 -1.02 -22.07
N PHE C 115 -4.42 -1.07 -22.98
CA PHE C 115 -5.11 -2.31 -23.26
C PHE C 115 -4.17 -3.30 -23.92
N CYS C 116 -4.10 -4.51 -23.39
CA CYS C 116 -3.49 -5.58 -24.15
C CYS C 116 -4.55 -6.31 -24.96
N PHE C 117 -5.66 -6.60 -24.30
CA PHE C 117 -6.86 -7.11 -24.93
C PHE C 117 -8.00 -6.83 -23.96
N THR C 118 -9.22 -6.91 -24.47
CA THR C 118 -10.38 -6.62 -23.63
C THR C 118 -11.63 -7.16 -24.28
N GLU C 119 -12.45 -7.84 -23.49
CA GLU C 119 -13.78 -8.28 -23.89
C GLU C 119 -14.85 -7.46 -23.20
N ILE C 120 -14.49 -6.41 -22.56
CA ILE C 120 -15.40 -5.65 -21.73
C ILE C 120 -16.01 -4.54 -22.57
N LEU C 121 -17.31 -4.35 -22.44
CA LEU C 121 -17.98 -3.26 -23.15
C LEU C 121 -17.87 -1.99 -22.31
N TYR C 122 -17.41 -0.92 -22.94
CA TYR C 122 -17.28 0.37 -22.27
C TYR C 122 -18.28 1.34 -22.85
N GLY C 123 -18.52 2.44 -22.14
CA GLY C 123 -19.29 3.54 -22.70
C GLY C 123 -20.62 3.72 -22.00
N GLN C 124 -21.56 4.30 -22.74
CA GLN C 124 -22.87 4.69 -22.23
C GLN C 124 -23.80 3.50 -22.24
N PHE C 125 -24.70 3.44 -21.25
CA PHE C 125 -25.64 2.35 -21.19
C PHE C 125 -26.96 2.87 -20.64
N ARG C 126 -28.04 2.26 -21.11
CA ARG C 126 -29.38 2.62 -20.68
C ARG C 126 -30.25 1.39 -20.81
N ARG C 127 -31.33 1.37 -20.04
CA ARG C 127 -32.19 0.20 -19.97
C ARG C 127 -33.53 0.64 -19.43
N GLU C 128 -34.61 0.45 -20.21
CA GLU C 128 -35.97 0.69 -19.77
C GLU C 128 -36.65 -0.64 -19.54
N VAL C 129 -37.31 -0.79 -18.40
CA VAL C 129 -37.74 -2.12 -18.00
C VAL C 129 -39.11 -2.04 -17.34
N PRO C 130 -40.12 -2.71 -17.88
CA PRO C 130 -41.46 -2.58 -17.32
C PRO C 130 -41.55 -3.28 -16.00
N VAL C 131 -42.56 -2.94 -15.25
CA VAL C 131 -42.63 -3.45 -13.88
C VAL C 131 -44.08 -3.83 -13.60
N PRO C 132 -44.35 -4.93 -12.86
CA PRO C 132 -45.73 -5.38 -12.65
C PRO C 132 -46.67 -4.30 -12.13
N VAL C 133 -47.99 -4.52 -12.25
CA VAL C 133 -48.96 -3.49 -11.90
C VAL C 133 -48.92 -3.16 -10.41
N ASP C 134 -48.82 -4.18 -9.55
CA ASP C 134 -48.84 -3.82 -8.14
C ASP C 134 -47.53 -3.21 -7.65
N ALA C 135 -46.68 -2.66 -8.50
CA ALA C 135 -45.47 -1.98 -8.04
C ALA C 135 -45.74 -0.51 -7.80
N SER C 136 -45.21 0.02 -6.70
CA SER C 136 -45.56 1.36 -6.25
C SER C 136 -44.39 2.31 -6.46
N LYS C 137 -44.73 3.56 -6.83
CA LYS C 137 -43.73 4.62 -6.92
C LYS C 137 -43.13 4.95 -5.56
N ASP C 138 -43.92 4.83 -4.49
CA ASP C 138 -43.52 5.35 -3.19
C ASP C 138 -42.85 4.27 -2.36
N GLY C 139 -41.62 4.54 -1.94
CA GLY C 139 -40.89 3.63 -1.10
C GLY C 139 -39.70 2.99 -1.76
N ILE C 140 -39.45 3.32 -3.04
CA ILE C 140 -38.38 2.69 -3.81
C ILE C 140 -37.03 2.87 -3.13
N LYS C 141 -36.21 1.82 -3.15
CA LYS C 141 -34.83 1.92 -2.69
C LYS C 141 -33.88 1.34 -3.73
N ALA C 142 -32.62 1.75 -3.69
CA ALA C 142 -31.65 1.20 -4.62
C ALA C 142 -30.28 1.17 -3.97
N TYR C 143 -29.48 0.20 -4.40
CA TYR C 143 -28.18 -0.08 -3.81
C TYR C 143 -27.26 -0.54 -4.92
N TYR C 144 -25.96 -0.30 -4.77
CA TYR C 144 -25.00 -0.80 -5.74
C TYR C 144 -23.96 -1.61 -4.98
N GLN C 145 -24.04 -2.93 -5.09
CA GLN C 145 -23.19 -3.82 -4.30
C GLN C 145 -22.64 -4.94 -5.16
N GLU C 146 -21.35 -5.24 -4.99
CA GLU C 146 -20.71 -6.35 -5.72
C GLU C 146 -21.05 -6.27 -7.20
N GLY C 147 -21.11 -5.03 -7.70
CA GLY C 147 -21.34 -4.79 -9.11
C GLY C 147 -22.75 -5.02 -9.60
N ILE C 148 -23.74 -4.93 -8.73
CA ILE C 148 -25.13 -5.15 -9.13
C ILE C 148 -25.94 -4.00 -8.56
N LEU C 149 -26.78 -3.40 -9.40
CA LEU C 149 -27.67 -2.35 -8.96
C LEU C 149 -29.00 -3.00 -8.61
N TYR C 150 -29.36 -2.96 -7.32
CA TYR C 150 -30.58 -3.53 -6.81
C TYR C 150 -31.61 -2.43 -6.65
N VAL C 151 -32.81 -2.65 -7.16
CA VAL C 151 -33.91 -1.70 -7.06
C VAL C 151 -35.06 -2.42 -6.38
N LYS C 152 -35.35 -2.03 -5.15
CA LYS C 152 -36.37 -2.67 -4.34
C LYS C 152 -37.65 -1.82 -4.39
N LEU C 153 -38.68 -2.34 -5.08
CA LEU C 153 -39.97 -1.66 -5.19
C LEU C 153 -41.02 -2.33 -4.31
N LEU C 154 -41.84 -1.53 -3.65
CA LEU C 154 -42.89 -2.06 -2.81
C LEU C 154 -44.13 -2.40 -3.64
N LYS C 155 -45.01 -3.19 -3.04
CA LYS C 155 -46.21 -3.66 -3.72
C LYS C 155 -47.41 -2.93 -3.13
N VAL C 156 -47.91 -1.94 -3.86
CA VAL C 156 -49.21 -1.36 -3.56
C VAL C 156 -50.28 -2.42 -3.78
N SER C 157 -51.31 -2.41 -2.92
CA SER C 157 -52.33 -3.45 -2.98
C SER C 157 -53.33 -3.20 -4.09
N ASN C 158 -53.87 -1.99 -4.15
CA ASN C 158 -54.96 -1.69 -5.07
C ASN C 158 -54.43 -1.38 -6.46
N SER C 159 -55.15 -1.85 -7.48
CA SER C 159 -54.82 -1.61 -8.87
C SER C 159 -56.09 -1.23 -9.62
N ASN C 160 -56.12 -0.01 -10.15
CA ASN C 160 -57.32 0.55 -10.80
C ASN C 160 -57.60 -0.18 -12.12
N TRP C 161 -58.28 -1.33 -12.01
CA TRP C 161 -58.46 -2.25 -13.14
C TRP C 161 -59.55 -1.79 -14.10
N VAL C 162 -59.30 -0.65 -14.74
CA VAL C 162 -60.14 -0.10 -15.80
C VAL C 162 -60.38 -1.13 -16.91
N ASN C 163 -61.57 -1.10 -17.52
CA ASN C 163 -61.92 -2.01 -18.62
C ASN C 163 -62.19 -1.21 -19.89
N VAL C 164 -61.75 -1.72 -21.03
CA VAL C 164 -61.89 -1.02 -22.30
C VAL C 164 -63.00 -1.67 -23.13
N GLU C 165 -63.84 -0.83 -23.73
CA GLU C 165 -64.88 -1.32 -24.62
C GLU C 165 -64.30 -1.54 -26.00
N ILE C 166 -64.73 -2.60 -26.66
CA ILE C 166 -64.31 -2.91 -28.02
C ILE C 166 -65.47 -2.64 -28.97
N VAL C 167 -65.12 -2.13 -30.15
CA VAL C 167 -66.10 -1.66 -31.13
C VAL C 167 -65.72 -2.07 -32.55
N THR D 63 22.87 -2.07 26.90
CA THR D 63 22.73 -0.63 27.14
C THR D 63 23.88 0.21 26.52
N TRP D 64 23.78 0.38 25.19
CA TRP D 64 24.78 1.03 24.33
C TRP D 64 24.74 2.54 24.47
N GLU D 65 25.59 3.23 23.69
CA GLU D 65 25.53 4.68 23.60
C GLU D 65 25.67 5.13 22.15
N PRO D 66 24.89 6.12 21.73
CA PRO D 66 24.90 6.54 20.33
C PRO D 66 26.07 7.45 20.05
N PRO D 67 26.59 7.46 18.83
CA PRO D 67 27.70 8.35 18.51
C PRO D 67 27.23 9.80 18.52
N CYS D 68 28.15 10.72 18.77
CA CYS D 68 27.79 12.13 18.89
C CYS D 68 28.87 13.02 18.28
N GLU D 69 28.59 14.32 18.23
CA GLU D 69 29.42 15.22 17.46
C GLU D 69 29.22 16.65 17.96
N LEU D 70 30.29 17.40 18.18
CA LEU D 70 30.18 18.78 18.59
C LEU D 70 30.59 19.70 17.45
N LEU D 71 29.90 20.82 17.31
CA LEU D 71 30.13 21.73 16.21
C LEU D 71 30.10 23.15 16.74
N ASP D 72 31.05 23.99 16.30
CA ASP D 72 31.07 25.40 16.65
C ASP D 72 30.52 26.23 15.49
N CYS D 73 29.39 26.92 15.73
CA CYS D 73 28.75 27.78 14.74
C CYS D 73 28.82 29.25 15.13
N GLY D 74 29.92 29.68 15.75
CA GLY D 74 30.04 31.03 16.24
C GLY D 74 28.95 31.41 17.21
N THR D 75 27.78 31.79 16.69
CA THR D 75 26.68 32.22 17.55
C THR D 75 26.32 31.18 18.60
N ASN D 76 26.53 29.88 18.30
CA ASN D 76 26.02 28.79 19.10
C ASN D 76 26.84 27.53 18.84
N TYR D 77 26.70 26.55 19.76
CA TYR D 77 27.23 25.19 19.60
C TYR D 77 26.12 24.26 19.12
N LEU D 78 26.50 23.25 18.33
CA LEU D 78 25.57 22.24 17.82
C LEU D 78 26.06 20.86 18.21
N LEU D 79 25.36 20.22 19.16
CA LEU D 79 25.70 18.88 19.64
C LEU D 79 24.72 17.87 19.06
N LYS D 80 25.23 16.92 18.27
CA LYS D 80 24.40 15.97 17.56
C LYS D 80 24.57 14.57 18.11
N PHE D 81 23.48 13.80 18.05
CA PHE D 81 23.51 12.38 18.33
C PHE D 81 22.86 11.65 17.17
N GLU D 82 23.44 10.52 16.76
CA GLU D 82 22.83 9.64 15.77
C GLU D 82 21.97 8.63 16.51
N VAL D 83 20.66 8.82 16.45
CA VAL D 83 19.74 7.85 17.05
C VAL D 83 18.74 7.42 15.98
N PRO D 84 19.13 6.55 15.06
CA PRO D 84 18.22 6.17 13.97
C PRO D 84 17.31 5.05 14.41
N GLY D 85 16.02 5.17 14.13
CA GLY D 85 15.07 4.11 14.43
C GLY D 85 14.89 3.83 15.91
N ILE D 86 14.68 4.87 16.71
CA ILE D 86 14.41 4.71 18.13
C ILE D 86 12.99 5.19 18.40
N ASP D 87 12.42 4.72 19.51
CA ASP D 87 11.09 5.15 19.93
C ASP D 87 11.11 6.64 20.25
N LYS D 88 10.71 7.48 19.28
CA LYS D 88 10.80 8.94 19.44
C LYS D 88 10.11 9.43 20.71
N LYS D 89 9.23 8.62 21.28
CA LYS D 89 8.58 8.95 22.54
C LYS D 89 9.51 8.74 23.73
N SER D 90 10.47 7.82 23.65
CA SER D 90 11.36 7.54 24.77
C SER D 90 12.50 8.54 24.89
N LEU D 91 12.68 9.42 23.91
CA LEU D 91 13.85 10.28 23.78
C LEU D 91 13.86 11.36 24.86
N SER D 92 14.71 11.21 25.87
CA SER D 92 14.84 12.21 26.93
C SER D 92 16.18 12.92 26.82
N LEU D 93 16.21 14.15 27.34
CA LEU D 93 17.35 15.04 27.13
C LEU D 93 17.41 16.05 28.28
N GLN D 94 18.32 15.84 29.22
CA GLN D 94 18.41 16.69 30.40
C GLN D 94 19.72 17.46 30.37
N TYR D 95 19.73 18.65 30.99
CA TYR D 95 20.93 19.48 31.12
C TYR D 95 21.21 19.77 32.58
N SER D 96 22.49 19.75 32.97
CA SER D 96 22.88 20.25 34.28
C SER D 96 24.37 20.52 34.28
N ASN D 97 24.76 21.75 34.60
CA ASN D 97 26.15 22.08 34.90
C ASN D 97 27.07 21.68 33.75
N ASN D 98 26.79 22.22 32.58
CA ASN D 98 27.54 21.97 31.34
C ASN D 98 27.64 20.48 30.98
N TRP D 99 26.71 19.64 31.46
CA TRP D 99 26.63 18.23 31.08
C TRP D 99 25.25 17.91 30.49
N VAL D 100 25.25 17.34 29.28
CA VAL D 100 24.02 16.91 28.60
C VAL D 100 23.87 15.41 28.73
N ILE D 101 22.66 14.94 29.03
CA ILE D 101 22.40 13.51 29.19
C ILE D 101 21.25 13.14 28.27
N VAL D 102 21.54 12.41 27.21
CA VAL D 102 20.51 11.93 26.30
C VAL D 102 20.27 10.47 26.57
N SER D 103 19.00 10.06 26.57
CA SER D 103 18.66 8.68 26.86
C SER D 103 17.42 8.30 26.07
N GLY D 104 17.20 7.00 25.95
CA GLY D 104 16.06 6.51 25.21
C GLY D 104 16.11 5.01 25.15
N ASN D 105 15.10 4.45 24.50
CA ASN D 105 15.01 3.02 24.29
C ASN D 105 14.75 2.73 22.82
N LYS D 106 15.42 1.71 22.29
CA LYS D 106 15.23 1.28 20.91
C LYS D 106 14.89 -0.20 20.99
N ASN D 107 13.62 -0.54 20.79
CA ASN D 107 13.21 -1.92 21.00
C ASN D 107 13.11 -2.67 19.68
N MET D 108 13.14 -4.00 19.78
CA MET D 108 13.26 -4.87 18.62
C MET D 108 12.10 -4.67 17.67
N PRO D 109 12.30 -4.99 16.39
CA PRO D 109 11.19 -5.05 15.43
C PRO D 109 10.53 -6.42 15.43
N ILE D 110 9.95 -6.79 16.58
CA ILE D 110 9.15 -7.99 16.64
C ILE D 110 7.89 -7.83 15.79
N ASP D 111 7.43 -6.59 15.61
CA ASP D 111 6.25 -6.29 14.79
C ASP D 111 6.55 -6.29 13.31
N GLU D 112 7.82 -6.14 12.93
CA GLU D 112 8.19 -6.19 11.51
C GLU D 112 8.53 -7.60 11.06
N GLY D 113 9.21 -8.39 11.89
CA GLY D 113 9.56 -9.74 11.49
C GLY D 113 10.50 -10.38 12.50
N ASP D 114 11.15 -11.45 12.07
CA ASP D 114 12.05 -12.20 12.93
C ASP D 114 13.46 -12.19 12.36
N PHE D 115 14.45 -12.14 13.25
CA PHE D 115 15.82 -11.82 12.84
C PHE D 115 16.46 -12.96 12.09
N CYS D 116 16.89 -12.70 10.85
CA CYS D 116 17.83 -13.61 10.20
C CYS D 116 19.26 -13.30 10.61
N PHE D 117 19.63 -12.03 10.56
CA PHE D 117 20.85 -11.58 11.20
C PHE D 117 20.75 -10.08 11.35
N THR D 118 21.49 -9.54 12.32
CA THR D 118 21.40 -8.11 12.59
C THR D 118 22.74 -7.62 13.12
N GLU D 119 23.10 -6.41 12.73
CA GLU D 119 24.26 -5.70 13.24
C GLU D 119 23.86 -4.47 14.06
N ILE D 120 22.58 -4.35 14.38
CA ILE D 120 22.00 -3.12 14.90
C ILE D 120 21.87 -3.26 16.41
N LEU D 121 22.27 -2.22 17.13
CA LEU D 121 22.24 -2.26 18.60
C LEU D 121 20.86 -1.86 19.10
N TYR D 122 20.24 -2.77 19.84
CA TYR D 122 18.93 -2.55 20.43
C TYR D 122 19.06 -2.47 21.94
N GLY D 123 18.05 -1.89 22.56
CA GLY D 123 18.03 -1.79 23.99
C GLY D 123 17.98 -0.35 24.46
N GLN D 124 18.26 -0.18 25.74
CA GLN D 124 18.30 1.15 26.31
C GLN D 124 19.64 1.79 26.00
N PHE D 125 19.63 3.12 25.95
CA PHE D 125 20.86 3.86 25.77
C PHE D 125 20.80 5.14 26.57
N ARG D 126 21.95 5.53 27.11
CA ARG D 126 22.18 6.86 27.60
C ARG D 126 23.58 7.25 27.17
N ARG D 127 23.81 8.55 27.15
CA ARG D 127 25.13 9.10 26.91
C ARG D 127 25.18 10.41 27.67
N GLU D 128 26.23 10.58 28.47
CA GLU D 128 26.55 11.83 29.12
C GLU D 128 27.68 12.50 28.36
N VAL D 129 27.47 13.72 27.91
CA VAL D 129 28.56 14.38 27.23
C VAL D 129 28.76 15.74 27.89
N PRO D 130 29.97 16.10 28.31
CA PRO D 130 30.19 17.42 28.83
C PRO D 130 30.28 18.36 27.65
N VAL D 131 29.96 19.62 27.91
CA VAL D 131 29.73 20.59 26.86
C VAL D 131 30.58 21.79 27.25
N PRO D 132 31.14 22.58 26.28
CA PRO D 132 32.22 23.52 26.63
C PRO D 132 31.90 24.59 27.68
N VAL D 133 32.95 25.34 28.05
CA VAL D 133 32.86 26.25 29.19
C VAL D 133 31.90 27.39 28.88
N ASP D 134 31.97 27.94 27.67
CA ASP D 134 31.07 28.98 27.20
C ASP D 134 29.76 28.46 26.70
N ALA D 135 29.33 27.26 27.08
CA ALA D 135 27.96 26.85 26.81
C ALA D 135 27.03 27.45 27.87
N SER D 136 25.85 27.85 27.44
CA SER D 136 24.92 28.60 28.27
C SER D 136 23.85 27.67 28.84
N LYS D 137 23.61 27.78 30.15
CA LYS D 137 22.54 27.00 30.78
C LYS D 137 21.19 27.33 30.19
N ASP D 138 21.02 28.54 29.64
CA ASP D 138 19.73 29.06 29.21
C ASP D 138 19.58 29.02 27.70
N GLY D 139 18.39 28.62 27.25
CA GLY D 139 18.02 28.77 25.86
C GLY D 139 18.35 27.59 24.97
N ILE D 140 18.36 26.37 25.51
CA ILE D 140 18.75 25.21 24.72
C ILE D 140 17.57 24.73 23.91
N LYS D 141 17.75 24.63 22.60
CA LYS D 141 16.70 24.08 21.75
C LYS D 141 17.15 22.73 21.23
N ALA D 142 16.24 21.75 21.21
CA ALA D 142 16.56 20.42 20.72
C ALA D 142 15.61 20.09 19.59
N TYR D 143 16.16 19.85 18.39
CA TYR D 143 15.39 19.54 17.20
C TYR D 143 15.75 18.13 16.71
N TYR D 144 14.76 17.23 16.64
CA TYR D 144 14.94 15.89 16.05
C TYR D 144 14.57 15.91 14.58
N GLN D 145 15.49 15.47 13.71
CA GLN D 145 15.15 15.30 12.30
C GLN D 145 15.92 14.11 11.74
N GLU D 146 15.19 13.19 11.10
CA GLU D 146 15.75 12.13 10.24
C GLU D 146 16.80 11.28 10.96
N GLY D 147 16.41 10.76 12.12
CA GLY D 147 17.30 9.88 12.86
C GLY D 147 18.42 10.57 13.60
N ILE D 148 18.51 11.90 13.54
CA ILE D 148 19.56 12.63 14.23
C ILE D 148 18.93 13.63 15.18
N LEU D 149 19.36 13.59 16.44
CA LEU D 149 18.89 14.49 17.48
C LEU D 149 19.88 15.64 17.63
N TYR D 150 19.44 16.87 17.33
CA TYR D 150 20.25 18.07 17.39
C TYR D 150 19.99 18.83 18.68
N VAL D 151 21.04 19.44 19.23
CA VAL D 151 20.95 20.29 20.42
C VAL D 151 21.72 21.58 20.11
N LYS D 152 21.02 22.70 20.06
CA LYS D 152 21.62 24.02 19.86
C LYS D 152 21.77 24.69 21.22
N LEU D 153 23.03 24.94 21.60
CA LEU D 153 23.39 25.59 22.85
C LEU D 153 23.93 26.99 22.58
N LEU D 154 23.54 27.93 23.43
CA LEU D 154 23.96 29.32 23.28
C LEU D 154 25.32 29.53 23.92
N LYS D 155 26.18 30.30 23.25
CA LYS D 155 27.38 30.73 23.93
C LYS D 155 27.01 31.80 24.95
N VAL D 156 27.75 31.83 26.05
CA VAL D 156 27.48 32.76 27.14
C VAL D 156 28.35 34.00 26.95
N SER D 157 27.96 35.08 27.65
CA SER D 157 28.66 36.36 27.57
C SER D 157 29.64 36.49 28.72
N ASN D 158 29.16 36.95 29.87
CA ASN D 158 30.01 36.98 31.05
C ASN D 158 30.04 35.59 31.66
N SER D 159 31.09 35.32 32.44
CA SER D 159 31.31 33.99 33.00
C SER D 159 32.15 34.11 34.25
N ASN D 160 31.73 33.49 35.34
CA ASN D 160 32.50 33.53 36.57
C ASN D 160 33.54 32.43 36.57
N TRP D 161 34.75 32.79 36.98
CA TRP D 161 35.84 31.84 37.13
C TRP D 161 36.27 31.85 38.59
N VAL D 162 37.18 30.94 38.92
CA VAL D 162 37.76 30.86 40.25
C VAL D 162 39.23 30.58 40.09
N ASN D 163 40.05 31.41 40.67
CA ASN D 163 41.48 31.12 40.68
C ASN D 163 41.79 30.34 41.95
N VAL D 164 42.36 29.14 41.79
CA VAL D 164 42.69 28.27 42.89
C VAL D 164 44.15 28.46 43.23
N GLU D 165 44.47 28.46 44.51
CA GLU D 165 45.85 28.59 44.95
C GLU D 165 46.49 27.22 45.05
N ILE D 166 47.69 27.08 44.49
CA ILE D 166 48.43 25.82 44.52
C ILE D 166 49.42 25.86 45.70
N VAL D 167 49.11 25.11 46.75
CA VAL D 167 49.79 25.30 48.04
C VAL D 167 50.99 24.37 48.25
#